data_7AXW
#
_entry.id   7AXW
#
_cell.length_a   73.113
_cell.length_b   107.584
_cell.length_c   58.076
_cell.angle_alpha   90.000
_cell.angle_beta   90.000
_cell.angle_gamma   90.000
#
_symmetry.space_group_name_H-M   'P 21 21 21'
#
loop_
_entity.id
_entity.type
_entity.pdbx_description
1 polymer 'cAMP-dependent protein kinase catalytic subunit alpha'
2 polymer 'cAMP-dependent protein kinase inhibitor alpha'
3 non-polymer ISOQUINOLIN-1-AMINE
4 water water
#
loop_
_entity_poly.entity_id
_entity_poly.type
_entity_poly.pdbx_seq_one_letter_code
_entity_poly.pdbx_strand_id
1 'polypeptide(L)'
;GHMGNAAAAKKG(SEP)EQESVKEFLAKAKEEFLKKWESPSQNTAQLDHFDRIKTLGTGSFGRVMLVKHKETGNHYAMKI
LDKQKVVKLKQIEHTLNEKRILQAVNFPFLVKLEFSFKDNSNLYMVMEYVPGGEMFSHLRRIGRFSEPHARFYAAQIVLT
FEYLHSLDLIYRDLKPENLLIDQQGYIQVTDFGFAKRVKGRTW(TPO)LCGTPEYLAPEIILSKGYNKAVDWWALGVLIY
EMAAGYPPFFADQPIQIYEKIVSGKVRFPSHFSSDLKDLLRNLLQVDLTKRFGNLKNGVNDIKNHKWFATTDWIAIYQRK
VEAPFIPKFKGPGDTSNFDDYEEEEIRV(SEP)INEKCGKEFTEF
;
A
2 'polypeptide(L)' TTYADFIASGRTGRRNAIHD B
#
loop_
_chem_comp.id
_chem_comp.type
_chem_comp.name
_chem_comp.formula
1SQ non-polymer ISOQUINOLIN-1-AMINE 'C9 H8 N2'
#
# COMPACT_ATOMS: atom_id res chain seq x y z
N GLY A 1 24.74 21.85 17.63
CA GLY A 1 23.89 20.66 17.29
C GLY A 1 24.00 20.29 15.82
N HIS A 2 23.12 19.40 15.38
CA HIS A 2 23.20 18.98 14.00
C HIS A 2 22.70 20.04 13.03
N MET A 3 21.69 20.82 13.40
CA MET A 3 21.20 21.90 12.55
C MET A 3 21.64 23.24 13.11
N GLY A 4 22.10 24.12 12.22
CA GLY A 4 22.26 25.51 12.56
C GLY A 4 20.90 26.19 12.65
N ASN A 5 20.94 27.49 12.97
CA ASN A 5 19.72 28.24 13.25
C ASN A 5 18.77 28.25 12.05
N ALA A 6 19.31 28.43 10.85
CA ALA A 6 18.47 28.54 9.66
C ALA A 6 17.80 27.20 9.33
N ALA A 7 18.59 26.13 9.30
CA ALA A 7 17.99 24.82 9.03
C ALA A 7 17.00 24.44 10.12
N ALA A 8 17.31 24.76 11.37
CA ALA A 8 16.44 24.38 12.48
C ALA A 8 15.08 25.07 12.38
N ALA A 9 15.06 26.38 12.11
CA ALA A 9 13.79 27.09 11.99
C ALA A 9 13.02 26.63 10.76
N LYS A 10 13.73 26.32 9.68
CA LYS A 10 13.07 25.81 8.47
C LYS A 10 12.39 24.47 8.75
N LYS A 11 13.10 23.56 9.41
CA LYS A 11 12.53 22.25 9.71
C LYS A 11 11.33 22.38 10.65
N GLY A 12 11.43 23.22 11.66
CA GLY A 12 10.34 23.34 12.61
C GLY A 12 9.08 23.83 11.94
N SEP A 13 9.26 24.81 11.08
CA SEP A 13 8.15 25.40 10.35
CB SEP A 13 8.63 26.61 9.57
OG SEP A 13 7.65 26.95 8.61
C SEP A 13 7.51 24.38 9.41
O SEP A 13 6.28 24.34 9.25
P SEP A 13 7.47 28.53 8.45
O1P SEP A 13 6.31 28.74 7.37
O2P SEP A 13 8.87 29.10 7.89
O3P SEP A 13 7.15 29.30 9.82
H SEP A 13 10.02 25.16 10.88
HA SEP A 13 7.46 25.68 10.98
HB2 SEP A 13 9.47 26.40 9.12
HB3 SEP A 13 8.76 27.36 10.18
N GLU A 14 8.35 23.60 8.74
CA GLU A 14 7.88 22.52 7.88
C GLU A 14 7.08 21.50 8.67
N GLN A 15 7.56 21.12 9.85
CA GLN A 15 6.82 20.17 10.67
C GLN A 15 5.50 20.78 11.13
N GLU A 16 5.50 22.06 11.51
CA GLU A 16 4.25 22.68 11.91
C GLU A 16 3.26 22.71 10.75
N SER A 17 3.74 22.99 9.53
CA SER A 17 2.85 23.07 8.38
C SER A 17 2.23 21.73 8.08
N VAL A 18 2.98 20.66 8.33
CA VAL A 18 2.45 19.31 8.17
C VAL A 18 1.29 19.11 9.12
N LYS A 19 1.44 19.57 10.36
CA LYS A 19 0.35 19.47 11.32
C LYS A 19 -0.89 20.15 10.80
N GLU A 20 -0.72 21.37 10.25
CA GLU A 20 -1.88 22.13 9.79
C GLU A 20 -2.52 21.46 8.60
N PHE A 21 -1.71 20.93 7.69
CA PHE A 21 -2.26 20.17 6.57
C PHE A 21 -3.05 18.97 7.07
N LEU A 22 -2.45 18.17 7.95
CA LEU A 22 -3.09 16.95 8.43
C LEU A 22 -4.36 17.26 9.21
N ALA A 23 -4.39 18.36 9.98
CA ALA A 23 -5.62 18.68 10.71
C ALA A 23 -6.74 18.98 9.72
N LYS A 24 -6.43 19.69 8.63
CA LYS A 24 -7.45 20.01 7.64
C LYS A 24 -7.84 18.77 6.85
N ALA A 25 -6.87 17.90 6.61
CA ALA A 25 -7.12 16.65 5.90
C ALA A 25 -8.07 15.77 6.70
N LYS A 26 -7.92 15.77 8.02
CA LYS A 26 -8.76 14.95 8.89
C LYS A 26 -10.19 15.45 8.90
N GLU A 27 -10.37 16.78 8.98
CA GLU A 27 -11.72 17.31 9.00
C GLU A 27 -12.43 17.07 7.67
N GLU A 28 -11.68 17.09 6.56
CA GLU A 28 -12.25 16.77 5.24
C GLU A 28 -12.62 15.29 5.13
N PHE A 29 -11.72 14.42 5.59
CA PHE A 29 -12.01 12.99 5.61
C PHE A 29 -13.25 12.69 6.44
N LEU A 30 -13.34 13.25 7.66
CA LEU A 30 -14.45 12.89 8.54
C LEU A 30 -15.77 13.39 7.97
N LYS A 31 -15.75 14.59 7.39
CA LYS A 31 -16.94 15.09 6.73
C LYS A 31 -17.39 14.12 5.62
N LYS A 32 -16.44 13.67 4.81
CA LYS A 32 -16.77 12.74 3.73
C LYS A 32 -17.13 11.36 4.25
N TRP A 33 -16.55 10.95 5.37
CA TRP A 33 -16.88 9.64 5.91
C TRP A 33 -18.31 9.62 6.42
N GLU A 34 -18.77 10.75 6.95
CA GLU A 34 -20.11 10.85 7.52
C GLU A 34 -21.18 11.05 6.46
N SER A 35 -20.84 11.61 5.30
CA SER A 35 -21.80 11.84 4.22
C SER A 35 -21.13 11.62 2.88
N PRO A 36 -21.07 10.34 2.40
CA PRO A 36 -20.55 9.91 1.10
C PRO A 36 -21.17 10.67 -0.07
N ASN A 39 -25.04 3.49 -6.04
CA ASN A 39 -25.48 3.39 -7.43
C ASN A 39 -24.99 4.60 -8.24
N THR A 40 -23.68 4.80 -8.29
CA THR A 40 -23.13 5.92 -9.05
C THR A 40 -22.92 5.57 -10.53
N ALA A 41 -23.15 4.32 -10.95
CA ALA A 41 -23.16 3.94 -12.37
C ALA A 41 -23.71 2.51 -12.46
N GLN A 42 -23.60 1.92 -13.66
CA GLN A 42 -24.08 0.56 -13.88
C GLN A 42 -23.21 -0.13 -14.91
N LEU A 43 -23.30 -1.48 -14.94
CA LEU A 43 -22.36 -2.27 -15.72
C LEU A 43 -22.42 -1.92 -17.21
N ASP A 44 -23.63 -1.73 -17.75
CA ASP A 44 -23.79 -1.40 -19.15
C ASP A 44 -23.13 -0.09 -19.55
N HIS A 45 -22.68 0.70 -18.58
CA HIS A 45 -21.97 1.94 -18.90
C HIS A 45 -20.51 1.72 -19.30
N PHE A 46 -20.00 0.51 -19.18
CA PHE A 46 -18.60 0.23 -19.47
C PHE A 46 -18.44 -0.93 -20.44
N ASP A 47 -17.40 -0.82 -21.25
CA ASP A 47 -16.92 -1.90 -22.10
C ASP A 47 -15.80 -2.60 -21.33
N ARG A 48 -15.92 -3.92 -21.19
CA ARG A 48 -14.92 -4.72 -20.48
C ARG A 48 -13.82 -5.10 -21.46
N ILE A 49 -12.59 -4.71 -21.15
CA ILE A 49 -11.48 -4.90 -22.07
C ILE A 49 -10.65 -6.12 -21.70
N LYS A 50 -10.18 -6.18 -20.45
CA LYS A 50 -9.13 -7.14 -20.12
C LYS A 50 -8.98 -7.23 -18.61
N THR A 51 -8.68 -8.43 -18.11
CA THR A 51 -8.39 -8.62 -16.69
C THR A 51 -6.98 -8.14 -16.36
N LEU A 52 -6.87 -7.27 -15.36
CA LEU A 52 -5.60 -6.71 -14.93
C LEU A 52 -5.00 -7.43 -13.73
N GLY A 53 -5.81 -8.11 -12.94
CA GLY A 53 -5.33 -8.79 -11.74
C GLY A 53 -6.48 -9.53 -11.09
N THR A 54 -6.14 -10.55 -10.29
CA THR A 54 -7.18 -11.33 -9.62
C THR A 54 -6.81 -11.56 -8.16
N GLY A 55 -7.83 -11.60 -7.32
CA GLY A 55 -7.69 -11.99 -5.93
C GLY A 55 -8.77 -12.99 -5.58
N SER A 56 -8.87 -13.37 -4.30
CA SER A 56 -9.92 -14.29 -3.88
C SER A 56 -11.32 -13.72 -4.09
N PHE A 57 -11.43 -12.38 -4.14
CA PHE A 57 -12.74 -11.72 -4.24
C PHE A 57 -13.37 -11.90 -5.62
N GLY A 58 -12.54 -11.90 -6.66
CA GLY A 58 -13.01 -11.77 -8.03
C GLY A 58 -11.88 -11.34 -8.93
N ARG A 59 -11.98 -10.16 -9.54
CA ARG A 59 -10.90 -9.73 -10.42
C ARG A 59 -11.00 -8.23 -10.66
N VAL A 60 -9.91 -7.69 -11.21
CA VAL A 60 -9.83 -6.29 -11.61
C VAL A 60 -9.70 -6.27 -13.11
N MET A 61 -10.57 -5.52 -13.78
CA MET A 61 -10.58 -5.46 -15.23
C MET A 61 -10.40 -4.04 -15.70
N LEU A 62 -9.63 -3.87 -16.76
CA LEU A 62 -9.64 -2.64 -17.51
C LEU A 62 -10.99 -2.50 -18.20
N VAL A 63 -11.63 -1.35 -18.03
CA VAL A 63 -12.88 -1.05 -18.70
C VAL A 63 -12.76 0.32 -19.32
N LYS A 64 -13.58 0.57 -20.32
CA LYS A 64 -13.69 1.88 -20.94
C LYS A 64 -15.11 2.36 -20.68
N HIS A 65 -15.23 3.52 -20.05
CA HIS A 65 -16.53 4.14 -19.86
C HIS A 65 -17.03 4.62 -21.22
N LYS A 66 -18.22 4.16 -21.62
CA LYS A 66 -18.66 4.31 -23.01
C LYS A 66 -18.96 5.77 -23.36
N GLU A 67 -19.70 6.45 -22.50
CA GLU A 67 -20.14 7.79 -22.85
C GLU A 67 -18.95 8.74 -22.97
N THR A 68 -17.97 8.59 -22.07
CA THR A 68 -16.83 9.50 -22.00
C THR A 68 -15.58 8.97 -22.70
N GLY A 69 -15.51 7.66 -22.96
CA GLY A 69 -14.30 7.09 -23.54
C GLY A 69 -13.14 6.91 -22.58
N ASN A 70 -13.28 7.26 -21.31
CA ASN A 70 -12.20 7.11 -20.34
C ASN A 70 -12.03 5.66 -19.92
N HIS A 71 -10.78 5.28 -19.67
CA HIS A 71 -10.48 3.97 -19.12
C HIS A 71 -10.41 4.03 -17.60
N TYR A 72 -10.83 2.92 -16.97
CA TYR A 72 -10.83 2.74 -15.52
C TYR A 72 -10.45 1.30 -15.19
N ALA A 73 -10.04 1.07 -13.96
CA ALA A 73 -9.89 -0.27 -13.43
C ALA A 73 -11.15 -0.60 -12.62
N MET A 74 -11.77 -1.73 -12.92
CA MET A 74 -13.02 -2.10 -12.27
C MET A 74 -12.75 -3.34 -11.43
N LYS A 75 -12.84 -3.17 -10.11
CA LYS A 75 -12.76 -4.28 -9.18
C LYS A 75 -14.13 -4.91 -9.08
N ILE A 76 -14.21 -6.20 -9.39
CA ILE A 76 -15.47 -6.94 -9.38
C ILE A 76 -15.36 -7.99 -8.28
N LEU A 77 -16.26 -7.90 -7.30
CA LEU A 77 -16.30 -8.82 -6.18
C LEU A 77 -17.58 -9.65 -6.26
N ASP A 78 -17.43 -10.97 -6.24
CA ASP A 78 -18.57 -11.87 -6.23
C ASP A 78 -19.14 -11.92 -4.82
N LYS A 79 -20.40 -11.47 -4.64
CA LYS A 79 -20.90 -11.31 -3.27
C LYS A 79 -20.88 -12.63 -2.52
N GLN A 80 -21.27 -13.72 -3.17
CA GLN A 80 -21.29 -15.00 -2.47
C GLN A 80 -19.89 -15.40 -2.04
N LYS A 81 -18.88 -15.16 -2.90
CA LYS A 81 -17.52 -15.46 -2.50
C LYS A 81 -17.10 -14.60 -1.31
N VAL A 82 -17.49 -13.32 -1.30
CA VAL A 82 -17.14 -12.44 -0.20
C VAL A 82 -17.70 -12.96 1.11
N VAL A 83 -18.97 -13.37 1.09
CA VAL A 83 -19.59 -13.92 2.30
C VAL A 83 -18.87 -15.18 2.75
N LYS A 84 -18.57 -16.07 1.79
CA LYS A 84 -17.92 -17.34 2.16
C LYS A 84 -16.54 -17.08 2.73
N LEU A 85 -15.84 -16.08 2.20
CA LEU A 85 -14.53 -15.69 2.68
C LEU A 85 -14.59 -14.88 3.96
N LYS A 86 -15.78 -14.60 4.50
CA LYS A 86 -15.93 -13.83 5.74
C LYS A 86 -15.34 -12.42 5.61
N GLN A 87 -15.53 -11.79 4.45
CA GLN A 87 -14.94 -10.48 4.19
C GLN A 87 -15.98 -9.41 3.91
N ILE A 88 -17.20 -9.59 4.44
CA ILE A 88 -18.22 -8.56 4.29
C ILE A 88 -17.72 -7.23 4.83
N GLU A 89 -17.26 -7.22 6.09
CA GLU A 89 -16.83 -5.98 6.72
C GLU A 89 -15.63 -5.38 6.00
N HIS A 90 -14.67 -6.22 5.59
CA HIS A 90 -13.52 -5.72 4.86
C HIS A 90 -13.93 -4.99 3.60
N THR A 91 -14.92 -5.55 2.88
CA THR A 91 -15.32 -5.01 1.60
C THR A 91 -16.06 -3.70 1.74
N LEU A 92 -16.99 -3.63 2.69
CA LEU A 92 -17.73 -2.39 2.93
C LEU A 92 -16.77 -1.31 3.43
N ASN A 93 -15.85 -1.71 4.31
CA ASN A 93 -14.87 -0.78 4.87
C ASN A 93 -13.94 -0.24 3.79
N GLU A 94 -13.50 -1.10 2.87
CA GLU A 94 -12.63 -0.64 1.79
C GLU A 94 -13.32 0.44 0.96
N LYS A 95 -14.55 0.16 0.55
CA LYS A 95 -15.32 1.15 -0.20
C LYS A 95 -15.45 2.45 0.59
N ARG A 96 -15.73 2.34 1.90
CA ARG A 96 -15.95 3.55 2.68
C ARG A 96 -14.67 4.37 2.77
N ILE A 97 -13.53 3.71 2.97
CA ILE A 97 -12.24 4.41 2.99
C ILE A 97 -11.98 5.05 1.63
N LEU A 98 -12.17 4.29 0.57
CA LEU A 98 -11.82 4.83 -0.75
C LEU A 98 -12.67 6.03 -1.08
N GLN A 99 -13.92 6.04 -0.63
CA GLN A 99 -14.79 7.18 -0.87
C GLN A 99 -14.33 8.42 -0.13
N ALA A 100 -13.64 8.25 1.00
CA ALA A 100 -13.46 9.35 1.93
C ALA A 100 -12.08 9.95 1.91
N VAL A 101 -11.06 9.18 1.49
CA VAL A 101 -9.69 9.69 1.51
C VAL A 101 -9.43 10.54 0.27
N ASN A 102 -8.36 11.32 0.34
CA ASN A 102 -7.94 12.13 -0.78
C ASN A 102 -6.46 12.41 -0.58
N PHE A 103 -5.63 11.83 -1.45
CA PHE A 103 -4.19 11.97 -1.34
C PHE A 103 -3.55 11.55 -2.65
N PRO A 104 -2.48 12.20 -3.06
CA PRO A 104 -1.98 11.97 -4.43
C PRO A 104 -1.49 10.58 -4.72
N PHE A 105 -1.22 9.75 -3.71
CA PHE A 105 -0.70 8.39 -3.87
C PHE A 105 -1.72 7.34 -3.49
N LEU A 106 -2.97 7.75 -3.29
CA LEU A 106 -4.09 6.86 -2.98
C LEU A 106 -5.05 6.90 -4.16
N VAL A 107 -5.34 5.72 -4.70
CA VAL A 107 -6.15 5.63 -5.92
C VAL A 107 -7.50 6.28 -5.70
N LYS A 108 -8.02 6.86 -6.77
CA LYS A 108 -9.27 7.61 -6.74
C LYS A 108 -10.40 6.74 -7.26
N LEU A 109 -11.40 6.55 -6.40
CA LEU A 109 -12.60 5.82 -6.75
C LEU A 109 -13.51 6.77 -7.51
N GLU A 110 -13.96 6.32 -8.67
CA GLU A 110 -14.84 7.12 -9.52
C GLU A 110 -16.30 6.70 -9.38
N PHE A 111 -16.57 5.40 -9.44
CA PHE A 111 -17.93 4.93 -9.37
C PHE A 111 -17.97 3.68 -8.51
N SER A 112 -19.15 3.38 -7.99
CA SER A 112 -19.38 2.10 -7.36
C SER A 112 -20.83 1.73 -7.52
N PHE A 113 -21.10 0.44 -7.65
CA PHE A 113 -22.47 -0.03 -7.84
C PHE A 113 -22.49 -1.53 -7.58
N LYS A 114 -23.69 -2.09 -7.59
CA LYS A 114 -23.85 -3.51 -7.31
C LYS A 114 -25.03 -4.02 -8.12
N ASP A 115 -25.02 -5.32 -8.39
CA ASP A 115 -26.15 -5.95 -9.05
C ASP A 115 -26.45 -7.26 -8.34
N ASN A 116 -27.32 -8.08 -8.94
CA ASN A 116 -27.77 -9.28 -8.24
C ASN A 116 -26.61 -10.11 -7.69
N SER A 117 -25.46 -10.13 -8.36
CA SER A 117 -24.40 -11.08 -8.03
C SER A 117 -23.11 -10.46 -7.55
N ASN A 118 -22.76 -9.25 -7.98
CA ASN A 118 -21.43 -8.70 -7.74
C ASN A 118 -21.50 -7.29 -7.18
N LEU A 119 -20.38 -6.88 -6.62
CA LEU A 119 -20.13 -5.51 -6.22
C LEU A 119 -19.09 -4.94 -7.18
N TYR A 120 -19.22 -3.66 -7.53
CA TYR A 120 -18.32 -3.03 -8.49
C TYR A 120 -17.68 -1.78 -7.89
N MET A 121 -16.34 -1.73 -7.91
CA MET A 121 -15.58 -0.52 -7.58
C MET A 121 -14.77 -0.08 -8.78
N VAL A 122 -15.12 1.08 -9.34
CA VAL A 122 -14.49 1.60 -10.55
C VAL A 122 -13.56 2.71 -10.12
N MET A 123 -12.27 2.54 -10.35
CA MET A 123 -11.30 3.49 -9.87
C MET A 123 -10.37 3.85 -11.01
N GLU A 124 -9.56 4.88 -10.80
CA GLU A 124 -8.62 5.29 -11.82
C GLU A 124 -7.75 4.10 -12.24
N TYR A 125 -7.54 3.99 -13.55
CA TYR A 125 -6.63 2.97 -14.10
C TYR A 125 -5.19 3.45 -13.95
N VAL A 126 -4.35 2.63 -13.31
CA VAL A 126 -2.94 2.95 -12.99
C VAL A 126 -2.13 2.11 -13.98
N PRO A 127 -1.64 2.69 -15.07
CA PRO A 127 -1.19 1.87 -16.20
C PRO A 127 0.23 1.34 -16.12
N GLY A 128 1.01 1.76 -15.15
CA GLY A 128 2.43 1.44 -15.16
C GLY A 128 2.79 0.08 -14.60
N GLY A 129 1.84 -0.65 -14.05
CA GLY A 129 2.08 -2.01 -13.59
C GLY A 129 2.33 -2.09 -12.09
N GLU A 130 2.44 -3.31 -11.59
CA GLU A 130 2.75 -3.52 -10.18
C GLU A 130 4.22 -3.23 -9.90
N MET A 131 4.51 -2.54 -8.78
CA MET A 131 5.90 -2.41 -8.37
C MET A 131 6.57 -3.77 -8.32
N PHE A 132 5.81 -4.81 -7.93
CA PHE A 132 6.38 -6.14 -7.72
C PHE A 132 7.07 -6.61 -9.00
N SER A 133 6.42 -6.45 -10.15
N SER A 133 6.39 -6.48 -10.13
CA SER A 133 6.99 -6.93 -11.40
CA SER A 133 6.94 -6.89 -11.42
C SER A 133 8.19 -6.10 -11.83
C SER A 133 8.24 -6.13 -11.70
N HIS A 134 8.20 -4.81 -11.49
CA HIS A 134 9.35 -3.99 -11.82
C HIS A 134 10.52 -4.35 -10.97
N LEU A 135 10.27 -4.60 -9.68
CA LEU A 135 11.33 -4.98 -8.76
C LEU A 135 11.94 -6.32 -9.14
N ARG A 136 11.10 -7.31 -9.41
CA ARG A 136 11.64 -8.61 -9.77
C ARG A 136 12.38 -8.57 -11.11
N ARG A 137 11.93 -7.73 -12.03
N ARG A 137 11.92 -7.74 -12.05
CA ARG A 137 12.56 -7.62 -13.34
CA ARG A 137 12.58 -7.63 -13.34
C ARG A 137 13.91 -6.90 -13.24
C ARG A 137 13.93 -6.93 -13.20
N ILE A 138 13.93 -5.77 -12.55
CA ILE A 138 15.14 -4.97 -12.45
C ILE A 138 16.11 -5.61 -11.49
N GLY A 139 15.60 -6.38 -10.53
CA GLY A 139 16.40 -7.11 -9.57
C GLY A 139 16.30 -6.42 -8.24
N ARG A 140 16.87 -5.22 -8.20
CA ARG A 140 16.79 -4.36 -7.04
C ARG A 140 16.86 -2.94 -7.53
N PHE A 141 16.37 -2.04 -6.71
CA PHE A 141 16.36 -0.62 -7.00
C PHE A 141 17.57 0.00 -6.32
N SER A 142 18.21 0.93 -7.01
CA SER A 142 19.22 1.74 -6.38
C SER A 142 18.64 2.44 -5.16
N GLU A 143 19.52 2.82 -4.22
CA GLU A 143 19.03 3.53 -3.06
C GLU A 143 18.31 4.81 -3.40
N PRO A 144 18.75 5.61 -4.40
CA PRO A 144 17.92 6.79 -4.75
C PRO A 144 16.55 6.43 -5.28
N HIS A 145 16.47 5.35 -6.05
CA HIS A 145 15.20 4.89 -6.62
C HIS A 145 14.29 4.36 -5.52
N ALA A 146 14.85 3.52 -4.62
CA ALA A 146 14.08 3.04 -3.49
C ALA A 146 13.61 4.18 -2.59
N ARG A 147 14.46 5.19 -2.40
CA ARG A 147 14.14 6.31 -1.54
C ARG A 147 12.99 7.11 -2.11
N PHE A 148 13.00 7.30 -3.42
CA PHE A 148 11.90 8.00 -4.06
C PHE A 148 10.58 7.31 -3.75
N TYR A 149 10.54 5.98 -3.88
CA TYR A 149 9.32 5.26 -3.56
C TYR A 149 9.03 5.32 -2.06
N ALA A 150 10.05 5.08 -1.25
CA ALA A 150 9.85 5.07 0.19
C ALA A 150 9.21 6.37 0.67
N ALA A 151 9.68 7.50 0.13
CA ALA A 151 9.22 8.80 0.60
C ALA A 151 7.72 8.97 0.36
N GLN A 152 7.22 8.37 -0.72
CA GLN A 152 5.79 8.41 -1.00
C GLN A 152 5.02 7.59 0.01
N ILE A 153 5.56 6.42 0.39
CA ILE A 153 4.88 5.62 1.41
C ILE A 153 4.89 6.35 2.73
N VAL A 154 6.04 6.94 3.11
CA VAL A 154 6.10 7.69 4.37
C VAL A 154 5.01 8.75 4.41
N LEU A 155 4.91 9.55 3.36
CA LEU A 155 3.89 10.58 3.33
C LEU A 155 2.49 9.98 3.36
N THR A 156 2.29 8.88 2.64
CA THR A 156 0.97 8.26 2.59
C THR A 156 0.59 7.71 3.96
N PHE A 157 1.53 7.08 4.66
CA PHE A 157 1.26 6.59 6.00
C PHE A 157 1.09 7.76 6.96
N GLU A 158 1.87 8.81 6.80
CA GLU A 158 1.68 9.97 7.67
C GLU A 158 0.25 10.49 7.54
N TYR A 159 -0.25 10.50 6.31
CA TYR A 159 -1.61 10.91 6.07
C TYR A 159 -2.60 9.92 6.67
N LEU A 160 -2.49 8.64 6.29
CA LEU A 160 -3.46 7.66 6.79
C LEU A 160 -3.45 7.59 8.31
N HIS A 161 -2.27 7.61 8.92
CA HIS A 161 -2.24 7.50 10.39
C HIS A 161 -2.87 8.71 11.06
N SER A 162 -2.82 9.89 10.43
CA SER A 162 -3.45 11.04 11.03
C SER A 162 -4.96 10.93 11.02
N LEU A 163 -5.51 10.12 10.09
CA LEU A 163 -6.92 9.75 10.02
C LEU A 163 -7.24 8.56 10.92
N ASP A 164 -6.24 8.07 11.66
CA ASP A 164 -6.35 6.91 12.54
C ASP A 164 -6.53 5.62 11.77
N LEU A 165 -6.05 5.58 10.53
CA LEU A 165 -6.16 4.38 9.71
C LEU A 165 -4.83 3.65 9.72
N ILE A 166 -4.86 2.36 10.09
CA ILE A 166 -3.70 1.50 9.92
C ILE A 166 -3.91 0.78 8.60
N TYR A 167 -2.85 0.65 7.81
CA TYR A 167 -2.97 0.10 6.48
C TYR A 167 -2.84 -1.43 6.48
N ARG A 168 -1.80 -1.97 7.10
CA ARG A 168 -1.59 -3.38 7.45
C ARG A 168 -1.31 -4.34 6.30
N ASP A 169 -1.28 -3.89 5.05
CA ASP A 169 -0.87 -4.85 4.01
C ASP A 169 0.06 -4.20 3.00
N LEU A 170 1.03 -3.43 3.49
CA LEU A 170 2.08 -2.92 2.61
C LEU A 170 2.93 -4.06 2.07
N LYS A 171 3.14 -4.04 0.76
CA LYS A 171 4.04 -4.92 0.04
C LYS A 171 4.11 -4.43 -1.41
N PRO A 172 5.14 -4.83 -2.15
CA PRO A 172 5.24 -4.35 -3.54
C PRO A 172 4.06 -4.77 -4.37
N GLU A 173 3.45 -5.90 -4.02
CA GLU A 173 2.29 -6.41 -4.74
C GLU A 173 1.10 -5.45 -4.66
N ASN A 174 1.02 -4.62 -3.61
CA ASN A 174 -0.09 -3.69 -3.41
C ASN A 174 0.26 -2.28 -3.86
N LEU A 175 1.34 -2.11 -4.59
CA LEU A 175 1.77 -0.79 -5.03
C LEU A 175 1.86 -0.79 -6.54
N LEU A 176 1.15 0.15 -7.15
CA LEU A 176 1.09 0.29 -8.58
C LEU A 176 1.87 1.54 -8.95
N ILE A 177 2.42 1.53 -10.17
CA ILE A 177 3.17 2.66 -10.72
C ILE A 177 2.32 3.35 -11.77
N ASP A 178 2.15 4.68 -11.64
CA ASP A 178 1.31 5.41 -12.56
C ASP A 178 2.15 5.94 -13.72
N GLN A 179 1.53 6.73 -14.59
CA GLN A 179 2.20 7.12 -15.83
C GLN A 179 3.40 8.01 -15.58
N GLN A 180 3.43 8.72 -14.47
CA GLN A 180 4.56 9.59 -14.16
C GLN A 180 5.60 8.90 -13.28
N GLY A 181 5.39 7.62 -12.98
CA GLY A 181 6.36 6.88 -12.21
C GLY A 181 6.13 6.96 -10.73
N TYR A 182 5.01 7.54 -10.31
CA TYR A 182 4.69 7.64 -8.89
C TYR A 182 3.81 6.48 -8.46
N ILE A 183 3.81 6.23 -7.14
CA ILE A 183 3.09 5.12 -6.52
C ILE A 183 1.61 5.43 -6.40
N GLN A 184 0.79 4.40 -6.59
CA GLN A 184 -0.62 4.42 -6.25
C GLN A 184 -0.94 3.23 -5.36
N VAL A 185 -1.65 3.49 -4.27
CA VAL A 185 -2.14 2.45 -3.35
C VAL A 185 -3.62 2.26 -3.63
N THR A 186 -4.05 1.01 -3.86
CA THR A 186 -5.43 0.76 -4.24
C THR A 186 -6.19 -0.14 -3.27
N ASP A 187 -5.50 -1.06 -2.59
CA ASP A 187 -6.17 -2.07 -1.80
C ASP A 187 -6.21 -1.62 -0.34
N PHE A 188 -7.42 -1.62 0.24
CA PHE A 188 -7.58 -1.26 1.65
C PHE A 188 -8.36 -2.33 2.40
N GLY A 189 -8.18 -3.59 2.00
CA GLY A 189 -8.99 -4.67 2.54
C GLY A 189 -8.62 -5.09 3.93
N PHE A 190 -7.51 -4.60 4.44
CA PHE A 190 -7.16 -4.87 5.82
C PHE A 190 -7.00 -3.58 6.62
N ALA A 191 -7.23 -2.43 6.00
CA ALA A 191 -7.12 -1.16 6.70
C ALA A 191 -8.20 -1.06 7.75
N LYS A 192 -7.88 -0.35 8.82
CA LYS A 192 -8.84 -0.23 9.91
C LYS A 192 -8.62 1.08 10.62
N ARG A 193 -9.72 1.72 11.05
CA ARG A 193 -9.67 2.88 11.93
C ARG A 193 -9.29 2.43 13.33
N VAL A 194 -8.13 2.86 13.80
CA VAL A 194 -7.61 2.39 15.08
C VAL A 194 -6.98 3.59 15.77
N LYS A 195 -7.72 4.19 16.70
CA LYS A 195 -7.15 5.23 17.53
C LYS A 195 -6.11 4.65 18.48
N GLY A 196 -6.44 3.53 19.12
CA GLY A 196 -5.58 2.87 20.08
C GLY A 196 -4.96 1.58 19.56
N ARG A 197 -5.41 0.44 20.08
CA ARG A 197 -4.88 -0.85 19.65
C ARG A 197 -5.91 -1.66 18.88
N THR A 198 -5.41 -2.70 18.22
CA THR A 198 -6.27 -3.66 17.57
C THR A 198 -5.57 -5.02 17.65
N TRP A 199 -6.29 -6.09 17.31
CA TRP A 199 -5.72 -7.42 17.59
C TRP A 199 -5.76 -8.42 16.46
N TPO A 200 -6.33 -8.07 15.31
CA TPO A 200 -6.53 -9.07 14.27
CB TPO A 200 -7.44 -8.54 13.14
CG2 TPO A 200 -7.76 -9.68 12.16
OG1 TPO A 200 -8.69 -8.14 13.74
P TPO A 200 -8.90 -6.54 13.50
O1P TPO A 200 -9.15 -6.29 12.07
O2P TPO A 200 -10.17 -6.25 14.40
O3P TPO A 200 -7.61 -5.76 14.01
C TPO A 200 -5.20 -9.53 13.67
O TPO A 200 -4.34 -8.71 13.34
H TPO A 200 -6.60 -7.28 15.11
HA TPO A 200 -6.98 -9.85 14.67
HB TPO A 200 -6.95 -7.71 12.64
HG21 TPO A 200 -8.49 -9.34 11.43
HG22 TPO A 200 -8.15 -10.53 12.72
HG23 TPO A 200 -6.84 -9.98 11.66
N LEU A 201 -5.08 -10.85 13.56
CA LEU A 201 -3.99 -11.47 12.82
C LEU A 201 -4.29 -11.27 11.36
N CYS A 202 -3.54 -10.41 10.69
CA CYS A 202 -3.74 -10.21 9.27
C CYS A 202 -2.51 -9.54 8.66
N GLY A 203 -2.37 -9.71 7.33
CA GLY A 203 -1.21 -9.20 6.64
C GLY A 203 -0.56 -10.30 5.82
N THR A 204 0.68 -10.05 5.41
CA THR A 204 1.38 -10.99 4.54
C THR A 204 2.63 -11.44 5.28
N PRO A 205 2.92 -12.76 5.37
CA PRO A 205 3.96 -13.23 6.29
C PRO A 205 5.25 -12.41 6.33
N GLU A 206 5.80 -12.11 5.14
CA GLU A 206 7.10 -11.47 5.10
C GLU A 206 7.08 -10.08 5.69
N TYR A 207 5.91 -9.47 5.74
CA TYR A 207 5.74 -8.08 6.13
C TYR A 207 5.13 -7.93 7.52
N LEU A 208 4.84 -9.04 8.23
CA LEU A 208 4.22 -8.94 9.55
C LEU A 208 5.19 -8.43 10.59
N ALA A 209 4.73 -7.47 11.37
CA ALA A 209 5.48 -7.03 12.53
C ALA A 209 5.49 -8.11 13.61
N PRO A 210 6.55 -8.16 14.42
CA PRO A 210 6.62 -9.20 15.45
C PRO A 210 5.43 -9.21 16.40
N GLU A 211 4.91 -8.04 16.75
CA GLU A 211 3.84 -8.00 17.74
C GLU A 211 2.54 -8.57 17.17
N ILE A 212 2.38 -8.58 15.85
CA ILE A 212 1.22 -9.26 15.26
C ILE A 212 1.41 -10.76 15.37
N ILE A 213 2.60 -11.22 14.95
CA ILE A 213 2.94 -12.63 15.06
C ILE A 213 2.74 -13.12 16.50
N LEU A 214 3.13 -12.30 17.47
CA LEU A 214 3.08 -12.72 18.86
C LEU A 214 1.71 -12.48 19.50
N SER A 215 0.69 -12.23 18.68
CA SER A 215 -0.71 -12.14 19.11
C SER A 215 -0.91 -11.08 20.19
N LYS A 216 -0.21 -9.97 20.03
CA LYS A 216 -0.36 -8.86 20.95
C LYS A 216 -1.39 -7.87 20.40
N GLY A 217 -1.88 -7.00 21.28
CA GLY A 217 -2.54 -5.79 20.82
C GLY A 217 -1.48 -4.92 20.17
N TYR A 218 -1.79 -4.35 19.02
CA TYR A 218 -0.78 -3.59 18.31
C TYR A 218 -1.41 -2.33 17.73
N ASN A 219 -0.57 -1.46 17.18
CA ASN A 219 -1.03 -0.16 16.76
C ASN A 219 -0.40 0.17 15.41
N LYS A 220 -0.48 1.45 15.05
CA LYS A 220 -0.01 1.91 13.76
C LYS A 220 1.47 1.61 13.53
N ALA A 221 2.25 1.35 14.58
CA ALA A 221 3.65 1.07 14.39
C ALA A 221 3.90 -0.18 13.54
N VAL A 222 2.92 -1.08 13.39
CA VAL A 222 3.14 -2.21 12.50
C VAL A 222 3.34 -1.73 11.06
N ASP A 223 2.77 -0.58 10.70
CA ASP A 223 2.96 -0.05 9.35
C ASP A 223 4.37 0.46 9.15
N TRP A 224 4.96 1.02 10.21
CA TRP A 224 6.34 1.46 10.09
C TRP A 224 7.32 0.30 10.05
N TRP A 225 7.03 -0.80 10.77
CA TRP A 225 7.81 -2.02 10.56
C TRP A 225 7.72 -2.47 9.09
N ALA A 226 6.50 -2.57 8.55
CA ALA A 226 6.33 -2.97 7.15
C ALA A 226 7.06 -2.04 6.19
N LEU A 227 7.12 -0.74 6.48
CA LEU A 227 7.95 0.14 5.66
C LEU A 227 9.42 -0.31 5.68
N GLY A 228 9.95 -0.66 6.85
CA GLY A 228 11.30 -1.21 6.88
C GLY A 228 11.46 -2.40 5.94
N VAL A 229 10.51 -3.33 5.99
CA VAL A 229 10.59 -4.51 5.15
C VAL A 229 10.56 -4.09 3.68
N LEU A 230 9.69 -3.13 3.34
CA LEU A 230 9.56 -2.70 1.96
C LEU A 230 10.85 -2.04 1.47
N ILE A 231 11.39 -1.11 2.28
CA ILE A 231 12.63 -0.45 1.87
C ILE A 231 13.73 -1.47 1.70
N TYR A 232 13.82 -2.42 2.64
CA TYR A 232 14.82 -3.47 2.53
C TYR A 232 14.61 -4.23 1.23
N GLU A 233 13.37 -4.62 0.93
CA GLU A 233 13.20 -5.47 -0.25
C GLU A 233 13.49 -4.70 -1.54
N MET A 234 13.07 -3.42 -1.58
CA MET A 234 13.33 -2.61 -2.76
C MET A 234 14.83 -2.48 -3.01
N ALA A 235 15.59 -2.27 -1.95
CA ALA A 235 17.02 -2.01 -2.09
C ALA A 235 17.84 -3.29 -2.27
N ALA A 236 17.38 -4.40 -1.68
CA ALA A 236 18.12 -5.66 -1.78
C ALA A 236 17.62 -6.53 -2.90
N GLY A 237 16.35 -6.42 -3.24
CA GLY A 237 15.71 -7.27 -4.21
C GLY A 237 15.04 -8.49 -3.60
N TYR A 238 15.19 -8.68 -2.31
CA TYR A 238 14.56 -9.75 -1.55
C TYR A 238 14.28 -9.19 -0.16
N PRO A 239 13.34 -9.79 0.57
CA PRO A 239 12.97 -9.26 1.88
C PRO A 239 13.94 -9.70 2.96
N PRO A 240 13.91 -9.05 4.12
CA PRO A 240 14.84 -9.38 5.18
C PRO A 240 14.59 -10.73 5.78
N PHE A 241 13.33 -11.19 5.78
CA PHE A 241 12.96 -12.41 6.45
C PHE A 241 12.23 -13.29 5.47
N PHE A 242 12.85 -14.40 5.09
CA PHE A 242 12.22 -15.32 4.17
C PHE A 242 12.60 -16.73 4.58
N ALA A 243 11.80 -17.68 4.14
CA ALA A 243 12.01 -19.10 4.41
C ALA A 243 11.05 -19.88 3.53
N ASP A 244 11.19 -21.21 3.56
CA ASP A 244 10.29 -22.06 2.78
C ASP A 244 8.85 -21.92 3.26
N GLN A 245 8.66 -21.81 4.57
CA GLN A 245 7.33 -21.83 5.15
C GLN A 245 7.12 -20.62 6.05
N PRO A 246 5.91 -20.08 6.09
CA PRO A 246 5.66 -18.94 6.96
C PRO A 246 6.13 -19.11 8.41
N ILE A 247 5.91 -20.26 9.04
CA ILE A 247 6.31 -20.38 10.44
C ILE A 247 7.79 -20.11 10.61
N GLN A 248 8.62 -20.54 9.66
CA GLN A 248 10.04 -20.22 9.79
C GLN A 248 10.30 -18.74 9.55
N ILE A 249 9.51 -18.10 8.71
CA ILE A 249 9.66 -16.65 8.50
C ILE A 249 9.39 -15.92 9.81
N TYR A 250 8.35 -16.34 10.52
CA TYR A 250 7.97 -15.69 11.77
C TYR A 250 9.06 -15.83 12.83
N GLU A 251 9.68 -17.01 12.91
CA GLU A 251 10.75 -17.20 13.88
C GLU A 251 11.84 -16.18 13.64
N LYS A 252 12.11 -15.89 12.36
CA LYS A 252 13.19 -14.95 12.03
C LYS A 252 12.80 -13.53 12.37
N ILE A 253 11.57 -13.15 12.04
CA ILE A 253 11.06 -11.83 12.37
C ILE A 253 11.19 -11.55 13.87
N VAL A 254 10.68 -12.45 14.71
N VAL A 254 10.68 -12.45 14.71
CA VAL A 254 10.68 -12.13 16.13
CA VAL A 254 10.68 -12.21 16.15
C VAL A 254 12.07 -12.22 16.77
C VAL A 254 12.08 -12.21 16.77
N SER A 255 13.09 -12.67 16.03
CA SER A 255 14.40 -12.94 16.61
C SER A 255 15.20 -11.70 16.98
N GLY A 256 14.86 -10.55 16.43
CA GLY A 256 15.66 -9.37 16.69
C GLY A 256 16.89 -9.27 15.82
N LYS A 257 17.14 -10.25 14.94
CA LYS A 257 18.28 -10.27 14.05
C LYS A 257 17.84 -9.94 12.62
N VAL A 258 18.64 -9.15 11.92
CA VAL A 258 18.47 -8.88 10.49
C VAL A 258 19.86 -8.75 9.90
N ARG A 259 20.04 -9.29 8.70
CA ARG A 259 21.29 -9.21 7.97
C ARG A 259 21.08 -8.29 6.78
N PHE A 260 22.15 -7.61 6.38
CA PHE A 260 22.08 -6.69 5.26
C PHE A 260 23.10 -7.01 4.18
N PRO A 261 22.73 -6.79 2.92
CA PRO A 261 23.71 -6.88 1.84
C PRO A 261 24.87 -5.93 2.09
N SER A 262 26.04 -6.29 1.57
CA SER A 262 27.18 -5.39 1.75
C SER A 262 27.05 -4.12 0.92
N HIS A 263 26.15 -4.05 -0.05
CA HIS A 263 26.05 -2.81 -0.83
C HIS A 263 25.11 -1.78 -0.19
N PHE A 264 24.37 -2.15 0.85
CA PHE A 264 23.57 -1.19 1.62
C PHE A 264 24.49 -0.16 2.26
N SER A 265 24.17 1.11 2.04
CA SER A 265 24.84 2.18 2.73
C SER A 265 24.64 2.08 4.24
N SER A 266 25.53 2.73 4.97
CA SER A 266 25.39 2.77 6.41
C SER A 266 24.13 3.53 6.82
N ASP A 267 23.80 4.60 6.11
CA ASP A 267 22.59 5.35 6.41
C ASP A 267 21.38 4.45 6.25
N LEU A 268 21.35 3.65 5.19
CA LEU A 268 20.22 2.76 4.97
C LEU A 268 20.10 1.73 6.10
N LYS A 269 21.22 1.10 6.45
CA LYS A 269 21.21 0.11 7.51
C LYS A 269 20.72 0.72 8.82
N ASP A 270 21.15 1.93 9.14
CA ASP A 270 20.72 2.54 10.39
C ASP A 270 19.21 2.80 10.36
N LEU A 271 18.70 3.31 9.25
CA LEU A 271 17.26 3.51 9.14
C LEU A 271 16.55 2.19 9.33
N LEU A 272 17.08 1.13 8.73
CA LEU A 272 16.35 -0.13 8.74
C LEU A 272 16.42 -0.78 10.11
N ARG A 273 17.53 -0.62 10.82
CA ARG A 273 17.57 -1.17 12.18
C ARG A 273 16.57 -0.47 13.08
N ASN A 274 16.26 0.78 12.79
CA ASN A 274 15.32 1.49 13.61
C ASN A 274 13.86 1.28 13.20
N LEU A 275 13.59 0.89 11.94
CA LEU A 275 12.24 0.50 11.52
C LEU A 275 11.95 -0.96 11.84
N LEU A 276 12.94 -1.82 11.60
CA LEU A 276 12.87 -3.26 11.88
C LEU A 276 13.33 -3.54 13.30
N GLN A 277 12.74 -2.78 14.20
CA GLN A 277 13.03 -2.79 15.63
C GLN A 277 11.93 -3.58 16.34
N VAL A 278 12.30 -4.71 16.93
N VAL A 278 12.29 -4.72 16.93
CA VAL A 278 11.31 -5.56 17.57
CA VAL A 278 11.28 -5.54 17.56
C VAL A 278 10.79 -4.93 18.86
C VAL A 278 10.73 -4.84 18.80
N ASP A 279 11.53 -3.98 19.44
CA ASP A 279 11.16 -3.33 20.70
C ASP A 279 10.32 -2.12 20.33
N LEU A 280 9.04 -2.15 20.66
CA LEU A 280 8.19 -1.01 20.33
C LEU A 280 8.67 0.29 20.97
N THR A 281 9.31 0.24 22.13
CA THR A 281 9.69 1.50 22.75
C THR A 281 10.80 2.20 22.00
N LYS A 282 11.34 1.57 20.97
CA LYS A 282 12.46 2.10 20.24
C LYS A 282 12.22 2.21 18.75
N ARG A 283 11.05 1.80 18.25
CA ARG A 283 10.84 1.72 16.82
C ARG A 283 10.49 3.10 16.27
N PHE A 284 11.22 3.51 15.23
CA PHE A 284 10.90 4.74 14.52
C PHE A 284 9.47 4.70 14.00
N GLY A 285 8.79 5.83 14.13
CA GLY A 285 7.40 5.96 13.86
C GLY A 285 6.54 5.77 15.09
N ASN A 286 7.11 5.24 16.17
CA ASN A 286 6.37 4.96 17.39
C ASN A 286 6.84 5.77 18.59
N LEU A 287 7.72 6.74 18.37
CA LEU A 287 8.32 7.47 19.49
C LEU A 287 7.66 8.84 19.60
N LYS A 288 8.04 9.56 20.65
CA LYS A 288 7.53 10.90 20.87
C LYS A 288 7.62 11.78 19.63
N ASN A 289 8.69 11.62 18.85
N ASN A 289 8.69 11.65 18.84
CA ASN A 289 8.93 12.45 17.67
CA ASN A 289 8.83 12.52 17.67
C ASN A 289 8.11 11.99 16.47
C ASN A 289 8.20 11.92 16.43
N GLY A 290 7.41 10.87 16.59
CA GLY A 290 6.52 10.42 15.53
C GLY A 290 7.22 10.18 14.23
N VAL A 291 6.57 10.60 13.15
N VAL A 291 6.57 10.56 13.13
CA VAL A 291 7.09 10.38 11.80
CA VAL A 291 7.14 10.33 11.82
C VAL A 291 8.36 11.19 11.55
C VAL A 291 8.39 11.16 11.58
N ASN A 292 8.60 12.23 12.35
CA ASN A 292 9.80 13.06 12.12
C ASN A 292 11.08 12.27 12.31
N ASP A 293 11.06 11.23 13.15
CA ASP A 293 12.26 10.41 13.27
C ASP A 293 12.62 9.79 11.93
N ILE A 294 11.61 9.42 11.14
CA ILE A 294 11.85 8.84 9.83
C ILE A 294 12.19 9.91 8.82
N LYS A 295 11.38 10.97 8.73
CA LYS A 295 11.59 11.95 7.66
C LYS A 295 12.88 12.71 7.85
N ASN A 296 13.35 12.84 9.07
CA ASN A 296 14.56 13.60 9.34
C ASN A 296 15.80 12.72 9.37
N HIS A 297 15.65 11.43 9.11
CA HIS A 297 16.77 10.52 9.14
C HIS A 297 17.75 10.81 8.01
N LYS A 298 19.03 10.57 8.30
CA LYS A 298 20.09 10.86 7.32
C LYS A 298 19.81 10.25 5.94
N TRP A 299 19.20 9.06 5.89
CA TRP A 299 18.96 8.42 4.59
C TRP A 299 18.02 9.24 3.71
N PHE A 300 17.18 10.07 4.32
CA PHE A 300 16.23 10.92 3.63
C PHE A 300 16.69 12.37 3.53
N ALA A 301 17.96 12.64 3.85
CA ALA A 301 18.42 14.03 3.86
C ALA A 301 18.26 14.72 2.51
N THR A 302 18.36 14.00 1.39
CA THR A 302 18.19 14.60 0.08
C THR A 302 16.74 14.69 -0.35
N THR A 303 15.80 14.17 0.44
CA THR A 303 14.40 14.16 0.07
C THR A 303 13.76 15.50 0.37
N ASP A 304 13.15 16.10 -0.65
CA ASP A 304 12.36 17.30 -0.55
C ASP A 304 10.91 16.84 -0.43
N TRP A 305 10.43 16.78 0.81
CA TRP A 305 9.17 16.12 1.08
C TRP A 305 8.02 16.82 0.37
N ILE A 306 8.03 18.15 0.37
N ILE A 306 8.02 18.15 0.36
CA ILE A 306 6.95 18.88 -0.31
CA ILE A 306 6.91 18.86 -0.30
C ILE A 306 6.99 18.58 -1.79
C ILE A 306 6.98 18.65 -1.80
N ALA A 307 8.18 18.54 -2.37
CA ALA A 307 8.27 18.31 -3.81
C ALA A 307 7.81 16.91 -4.17
N ILE A 308 8.08 15.92 -3.31
CA ILE A 308 7.52 14.60 -3.53
C ILE A 308 6.00 14.66 -3.51
N TYR A 309 5.45 15.29 -2.48
CA TYR A 309 4.01 15.41 -2.38
C TYR A 309 3.41 16.11 -3.60
N GLN A 310 4.05 17.15 -4.08
CA GLN A 310 3.59 17.92 -5.23
C GLN A 310 3.84 17.23 -6.55
N ARG A 311 4.49 16.08 -6.50
CA ARG A 311 4.84 15.29 -7.69
C ARG A 311 5.73 16.09 -8.64
N LYS A 312 6.65 16.84 -8.05
CA LYS A 312 7.59 17.66 -8.79
C LYS A 312 8.97 17.07 -8.88
N VAL A 313 9.19 15.90 -8.32
CA VAL A 313 10.45 15.20 -8.47
C VAL A 313 10.40 14.33 -9.72
N GLU A 314 11.45 14.38 -10.53
CA GLU A 314 11.46 13.52 -11.71
C GLU A 314 11.67 12.08 -11.23
N ALA A 315 10.80 11.20 -11.64
CA ALA A 315 10.89 9.83 -11.18
C ALA A 315 12.11 9.12 -11.77
N PRO A 316 12.69 8.19 -11.03
CA PRO A 316 13.86 7.48 -11.55
C PRO A 316 13.52 6.57 -12.70
N PHE A 317 12.25 6.19 -12.82
CA PHE A 317 11.78 5.20 -13.77
C PHE A 317 10.36 5.55 -14.16
N ILE A 318 10.10 5.61 -15.46
CA ILE A 318 8.79 5.95 -15.99
C ILE A 318 8.32 4.77 -16.82
N PRO A 319 7.28 4.05 -16.40
CA PRO A 319 6.94 2.79 -17.08
C PRO A 319 6.60 3.04 -18.54
N LYS A 320 6.70 1.97 -19.32
CA LYS A 320 6.38 2.03 -20.74
C LYS A 320 4.90 2.38 -20.93
N PHE A 321 4.63 3.47 -21.63
CA PHE A 321 3.27 3.95 -21.83
C PHE A 321 3.03 4.19 -23.32
N LYS A 322 2.17 3.36 -23.91
CA LYS A 322 1.61 3.66 -25.22
C LYS A 322 0.29 4.42 -25.05
N GLY A 323 -0.83 3.83 -25.46
CA GLY A 323 -2.10 4.51 -25.44
C GLY A 323 -2.70 4.58 -24.05
N PRO A 324 -3.90 5.18 -23.96
CA PRO A 324 -4.56 5.30 -22.65
C PRO A 324 -5.14 4.00 -22.13
N GLY A 325 -5.38 3.02 -22.99
CA GLY A 325 -5.87 1.73 -22.54
C GLY A 325 -4.84 0.64 -22.75
N ASP A 326 -3.59 1.06 -22.93
CA ASP A 326 -2.52 0.09 -23.05
C ASP A 326 -2.37 -0.65 -21.73
N THR A 327 -2.26 -1.99 -21.80
CA THR A 327 -2.07 -2.84 -20.63
C THR A 327 -0.75 -3.58 -20.66
N SER A 328 0.22 -3.09 -21.43
CA SER A 328 1.41 -3.89 -21.69
C SER A 328 2.24 -4.08 -20.43
N ASN A 329 2.06 -3.22 -19.44
CA ASN A 329 2.78 -3.36 -18.19
C ASN A 329 2.14 -4.36 -17.25
N PHE A 330 1.09 -5.06 -17.68
CA PHE A 330 0.40 -6.03 -16.84
C PHE A 330 0.49 -7.42 -17.45
N ASP A 331 0.56 -8.43 -16.57
CA ASP A 331 0.57 -9.81 -17.03
C ASP A 331 -0.80 -10.18 -17.61
N ASP A 332 -0.83 -11.28 -18.36
CA ASP A 332 -2.09 -11.83 -18.86
C ASP A 332 -2.72 -12.71 -17.78
N TYR A 333 -4.03 -12.58 -17.62
CA TYR A 333 -4.80 -13.47 -16.76
C TYR A 333 -5.85 -14.18 -17.58
N GLU A 334 -6.29 -15.35 -17.10
CA GLU A 334 -7.38 -16.07 -17.76
C GLU A 334 -8.68 -15.29 -17.64
N GLU A 335 -9.39 -15.12 -18.74
CA GLU A 335 -10.60 -14.30 -18.77
C GLU A 335 -11.82 -15.16 -18.44
N GLU A 336 -12.46 -14.87 -17.32
CA GLU A 336 -13.72 -15.49 -16.95
C GLU A 336 -14.85 -14.49 -17.16
N GLU A 337 -15.97 -14.98 -17.71
CA GLU A 337 -17.10 -14.11 -18.02
C GLU A 337 -17.78 -13.64 -16.73
N ILE A 338 -18.34 -12.42 -16.79
CA ILE A 338 -19.01 -11.81 -15.63
C ILE A 338 -20.48 -12.17 -15.74
N ARG A 339 -20.86 -13.28 -15.10
CA ARG A 339 -22.25 -13.72 -15.11
C ARG A 339 -23.03 -13.05 -13.98
N VAL A 340 -24.25 -12.64 -14.29
CA VAL A 340 -25.09 -11.95 -13.32
C VAL A 340 -26.38 -12.75 -13.14
N SEP A 341 -26.53 -13.37 -11.97
CA SEP A 341 -27.68 -14.24 -11.68
CB SEP A 341 -27.51 -14.87 -10.28
OG SEP A 341 -28.72 -15.43 -9.80
C SEP A 341 -29.00 -13.48 -11.78
O SEP A 341 -29.03 -12.26 -11.58
P SEP A 341 -28.90 -16.94 -10.34
O1P SEP A 341 -29.60 -16.85 -11.79
O2P SEP A 341 -27.48 -17.69 -10.47
O3P SEP A 341 -29.85 -17.73 -9.31
N ILE A 342 -30.08 -14.17 -12.09
CA ILE A 342 -31.39 -13.52 -12.15
C ILE A 342 -31.97 -13.39 -10.74
N ASN A 343 -31.29 -13.95 -9.75
CA ASN A 343 -31.72 -13.88 -8.36
C ASN A 343 -30.71 -13.08 -7.56
N GLU A 344 -31.21 -12.17 -6.71
CA GLU A 344 -30.34 -11.34 -5.90
C GLU A 344 -29.65 -12.20 -4.84
N LYS A 345 -28.32 -12.09 -4.76
CA LYS A 345 -27.54 -12.81 -3.77
C LYS A 345 -27.11 -11.87 -2.66
N CYS A 346 -27.18 -12.35 -1.42
CA CYS A 346 -26.61 -11.66 -0.27
C CYS A 346 -27.03 -10.20 -0.22
N GLY A 347 -28.31 -9.95 -0.51
CA GLY A 347 -28.80 -8.57 -0.54
C GLY A 347 -28.63 -7.85 0.78
N LYS A 348 -29.01 -8.51 1.89
CA LYS A 348 -28.95 -7.84 3.19
C LYS A 348 -27.51 -7.57 3.61
N GLU A 349 -26.62 -8.53 3.37
CA GLU A 349 -25.25 -8.37 3.85
C GLU A 349 -24.60 -7.13 3.26
N PHE A 350 -24.99 -6.75 2.05
CA PHE A 350 -24.33 -5.67 1.33
C PHE A 350 -25.23 -4.46 1.12
N THR A 351 -26.26 -4.30 1.96
N THR A 351 -26.27 -4.31 1.96
CA THR A 351 -27.20 -3.19 1.76
CA THR A 351 -27.20 -3.19 1.81
C THR A 351 -26.50 -1.84 1.73
C THR A 351 -26.50 -1.85 1.72
N GLU A 352 -25.46 -1.66 2.54
CA GLU A 352 -24.79 -0.36 2.63
C GLU A 352 -23.89 -0.08 1.44
N PHE A 353 -23.50 -1.09 0.68
CA PHE A 353 -22.58 -0.89 -0.45
C PHE A 353 -23.24 -0.06 -1.54
N THR B 1 24.66 -17.79 -1.71
CA THR B 1 24.43 -16.41 -1.37
C THR B 1 23.05 -16.21 -0.77
N THR B 2 22.83 -15.05 -0.14
CA THR B 2 21.50 -14.78 0.37
C THR B 2 20.47 -14.75 -0.76
N TYR B 3 20.81 -14.14 -1.90
CA TYR B 3 19.91 -14.22 -3.04
C TYR B 3 19.60 -15.67 -3.40
N ALA B 4 20.63 -16.52 -3.43
CA ALA B 4 20.39 -17.93 -3.76
C ALA B 4 19.46 -18.56 -2.75
N ASP B 5 19.61 -18.20 -1.48
CA ASP B 5 18.71 -18.71 -0.44
C ASP B 5 17.29 -18.23 -0.65
N PHE B 6 17.15 -16.96 -1.05
CA PHE B 6 15.83 -16.42 -1.38
C PHE B 6 15.17 -17.23 -2.48
N ILE B 7 15.92 -17.49 -3.54
CA ILE B 7 15.40 -18.32 -4.61
C ILE B 7 14.95 -19.67 -4.06
N ALA B 8 15.77 -20.29 -3.23
CA ALA B 8 15.48 -21.62 -2.70
C ALA B 8 14.25 -21.64 -1.78
N SER B 9 13.89 -20.51 -1.19
CA SER B 9 12.66 -20.43 -0.40
C SER B 9 11.40 -20.69 -1.21
N GLY B 10 11.46 -20.55 -2.53
CA GLY B 10 10.28 -20.64 -3.38
C GLY B 10 9.26 -19.51 -3.23
N ARG B 11 9.48 -18.56 -2.33
CA ARG B 11 8.55 -17.43 -2.17
C ARG B 11 9.00 -16.20 -2.95
N THR B 12 9.30 -16.39 -4.22
CA THR B 12 9.81 -15.32 -5.05
C THR B 12 8.71 -14.67 -5.87
N GLY B 13 7.52 -15.27 -5.93
CA GLY B 13 6.41 -14.71 -6.65
C GLY B 13 5.47 -13.91 -5.74
N ARG B 14 4.33 -13.52 -6.32
CA ARG B 14 3.38 -12.69 -5.61
C ARG B 14 2.84 -13.43 -4.40
N ARG B 15 2.89 -12.76 -3.26
CA ARG B 15 2.59 -13.36 -1.97
C ARG B 15 1.18 -12.99 -1.55
N ASN B 16 0.44 -13.99 -1.05
CA ASN B 16 -0.90 -13.75 -0.54
C ASN B 16 -0.88 -13.30 0.90
N ALA B 17 -1.91 -12.53 1.25
CA ALA B 17 -2.16 -12.24 2.65
C ALA B 17 -2.63 -13.49 3.35
N ILE B 18 -2.47 -13.51 4.66
CA ILE B 18 -2.91 -14.66 5.45
C ILE B 18 -4.43 -14.58 5.62
N1 1SQ C . -6.52 0.77 -10.17
C2 1SQ C . -5.87 -0.18 -10.80
N3 1SQ C . -5.24 0.08 -11.97
C4 1SQ C . -4.53 -0.84 -12.67
C5 1SQ C . -4.40 -2.11 -12.20
C6 1SQ C . -5.02 -2.48 -10.97
C7 1SQ C . -4.84 -3.77 -10.41
C8 1SQ C . -5.36 -4.06 -9.18
C9 1SQ C . -6.09 -3.11 -8.47
C10 1SQ C . -6.29 -1.87 -8.99
C11 1SQ C . -5.76 -1.49 -10.25
#